data_8OHL
#
_entry.id   8OHL
#
_cell.length_a   118.940
_cell.length_b   38.800
_cell.length_c   68.170
_cell.angle_alpha   90.000
_cell.angle_beta   95.400
_cell.angle_gamma   90.000
#
_symmetry.space_group_name_H-M   'C 1 2 1'
#
loop_
_entity.id
_entity.type
_entity.pdbx_description
1 polymer 'Cyclic di-AMP synthase CdaA'
2 non-polymer (2~{R})-2-fluoranyl-2-(4-fluoranyl-1,2,4$l^{4}-triazacyclopenta-2,4-dien-1-yl)-1-phenyl-ethanone
3 non-polymer 'MAGNESIUM ION'
4 water water
#
_entity_poly.entity_id   1
_entity_poly.type   'polypeptide(L)'
_entity_poly.pdbx_seq_one_letter_code
;GPTPVEEAQQKTIEAITKAINYMAKRRIGALLTIERDTGMGDYIETGIPLNAKVSSELLINIFIPNTPLHDGAVIMKNNE
IAAAACYLPLSESPFISKELGTRHRAAVGISEVTDSLTIIVSEETGGVSVAKNGDLHRELTEEALKEMLEAEFK
;
_entity_poly.pdbx_strand_id   A,B
#
# COMPACT_ATOMS: atom_id res chain seq x y z
N THR A 3 9.90 -15.69 -21.99
CA THR A 3 9.38 -16.70 -21.05
C THR A 3 8.58 -16.03 -19.94
N PRO A 4 7.76 -16.81 -19.22
CA PRO A 4 7.00 -16.20 -18.11
C PRO A 4 7.85 -15.45 -17.10
N VAL A 5 8.96 -16.06 -16.66
CA VAL A 5 9.86 -15.39 -15.72
C VAL A 5 10.37 -14.08 -16.31
N GLU A 6 10.74 -14.10 -17.59
CA GLU A 6 11.26 -12.90 -18.23
C GLU A 6 10.19 -11.82 -18.33
N GLU A 7 8.97 -12.20 -18.71
CA GLU A 7 7.89 -11.21 -18.77
C GLU A 7 7.64 -10.61 -17.39
N ALA A 8 7.70 -11.43 -16.35
CA ALA A 8 7.43 -10.92 -15.01
C ALA A 8 8.51 -9.95 -14.56
N GLN A 9 9.77 -10.25 -14.89
CA GLN A 9 10.85 -9.34 -14.52
C GLN A 9 10.69 -8.00 -15.24
N GLN A 10 10.33 -8.03 -16.52
CA GLN A 10 10.19 -6.78 -17.25
C GLN A 10 9.02 -5.97 -16.71
N LYS A 11 7.94 -6.64 -16.32
CA LYS A 11 6.79 -5.96 -15.75
C LYS A 11 7.16 -5.27 -14.44
N THR A 12 7.94 -5.95 -13.59
CA THR A 12 8.38 -5.36 -12.34
C THR A 12 9.29 -4.16 -12.58
N ILE A 13 10.20 -4.27 -13.53
CA ILE A 13 11.06 -3.14 -13.87
C ILE A 13 10.22 -1.96 -14.30
N GLU A 14 9.19 -2.20 -15.12
CA GLU A 14 8.36 -1.09 -15.58
C GLU A 14 7.56 -0.47 -14.42
N ALA A 15 7.08 -1.30 -13.49
CA ALA A 15 6.37 -0.75 -12.34
C ALA A 15 7.29 0.14 -11.51
N ILE A 16 8.51 -0.34 -11.26
CA ILE A 16 9.48 0.45 -10.49
C ILE A 16 9.77 1.76 -11.21
N THR A 17 10.11 1.70 -12.49
CA THR A 17 10.53 2.93 -13.16
C THR A 17 9.38 3.93 -13.21
N LYS A 18 8.14 3.47 -13.41
CA LYS A 18 7.01 4.39 -13.42
C LYS A 18 6.82 5.04 -12.06
N ALA A 19 6.97 4.27 -10.99
CA ALA A 19 6.83 4.86 -9.66
C ALA A 19 7.95 5.85 -9.36
N ILE A 20 9.19 5.51 -9.72
CA ILE A 20 10.32 6.42 -9.50
C ILE A 20 10.11 7.70 -10.30
N ASN A 21 9.60 7.59 -11.53
N ASN A 21 9.60 7.58 -11.53
CA ASN A 21 9.37 8.79 -12.34
CA ASN A 21 9.34 8.74 -12.37
C ASN A 21 8.38 9.73 -11.66
C ASN A 21 8.36 9.70 -11.71
N TYR A 22 7.28 9.17 -11.14
CA TYR A 22 6.27 10.00 -10.47
C TYR A 22 6.87 10.68 -9.24
N MET A 23 7.65 9.95 -8.45
CA MET A 23 8.22 10.51 -7.23
C MET A 23 9.31 11.52 -7.52
N ALA A 24 10.15 11.27 -8.54
CA ALA A 24 11.16 12.22 -8.91
C ALA A 24 10.53 13.56 -9.29
N LYS A 25 9.45 13.51 -10.08
CA LYS A 25 8.80 14.73 -10.55
C LYS A 25 8.23 15.55 -9.40
N ARG A 26 7.72 14.88 -8.38
CA ARG A 26 7.11 15.57 -7.23
C ARG A 26 8.07 15.74 -6.07
N ARG A 27 9.33 15.30 -6.22
CA ARG A 27 10.33 15.36 -5.16
C ARG A 27 9.83 14.70 -3.87
N ILE A 28 9.31 13.50 -4.03
CA ILE A 28 8.89 12.63 -2.94
C ILE A 28 10.05 11.73 -2.59
N GLY A 29 10.56 11.84 -1.37
CA GLY A 29 11.66 10.98 -0.94
C GLY A 29 11.24 9.52 -0.95
N ALA A 30 12.14 8.65 -1.41
CA ALA A 30 11.84 7.24 -1.46
C ALA A 30 13.12 6.42 -1.34
N LEU A 31 12.95 5.19 -0.85
CA LEU A 31 14.07 4.31 -0.55
C LEU A 31 13.58 2.90 -0.83
N LEU A 32 14.10 2.26 -1.86
CA LEU A 32 13.60 0.99 -2.37
C LEU A 32 14.78 0.04 -2.58
N THR A 33 14.87 -1.00 -1.77
CA THR A 33 15.96 -1.96 -1.82
C THR A 33 15.45 -3.26 -2.42
N ILE A 34 16.18 -3.79 -3.37
CA ILE A 34 15.86 -5.05 -4.04
C ILE A 34 16.85 -6.10 -3.58
N GLU A 35 16.36 -7.09 -2.85
CA GLU A 35 17.20 -8.18 -2.38
C GLU A 35 17.68 -9.00 -3.57
N ARG A 36 18.96 -9.41 -3.51
CA ARG A 36 19.56 -10.28 -4.52
C ARG A 36 20.00 -11.58 -3.86
N ASP A 37 21.29 -11.94 -3.96
CA ASP A 37 21.71 -13.22 -3.40
C ASP A 37 21.86 -13.17 -1.90
N THR A 38 22.25 -12.02 -1.34
CA THR A 38 22.42 -11.93 0.10
C THR A 38 21.05 -11.77 0.75
N GLY A 39 20.74 -12.66 1.68
CA GLY A 39 19.43 -12.62 2.32
C GLY A 39 19.29 -11.39 3.20
N MET A 40 18.12 -10.78 3.16
CA MET A 40 17.84 -9.57 3.91
C MET A 40 16.69 -9.73 4.89
N GLY A 41 16.45 -10.95 5.30
CA GLY A 41 15.34 -11.22 6.21
C GLY A 41 15.41 -10.42 7.49
N ASP A 42 16.61 -10.23 8.05
CA ASP A 42 16.71 -9.51 9.31
C ASP A 42 16.25 -8.06 9.18
N TYR A 43 16.41 -7.49 8.00
CA TYR A 43 15.93 -6.13 7.77
C TYR A 43 14.46 -6.09 7.38
N ILE A 44 14.02 -7.05 6.57
CA ILE A 44 12.59 -7.15 6.26
C ILE A 44 11.77 -7.23 7.53
N GLU A 45 12.27 -7.97 8.53
CA GLU A 45 11.50 -8.18 9.75
C GLU A 45 11.33 -6.90 10.55
N THR A 46 12.12 -5.86 10.29
CA THR A 46 11.98 -4.61 11.03
C THR A 46 10.82 -3.75 10.53
N GLY A 47 10.27 -4.04 9.35
CA GLY A 47 9.25 -3.22 8.76
C GLY A 47 7.85 -3.78 8.97
N ILE A 48 6.90 -3.20 8.24
CA ILE A 48 5.52 -3.64 8.25
C ILE A 48 5.38 -4.70 7.15
N PRO A 49 4.96 -5.91 7.46
CA PRO A 49 4.84 -6.92 6.39
C PRO A 49 3.76 -6.58 5.37
N LEU A 50 4.09 -6.75 4.09
CA LEU A 50 3.15 -6.61 2.99
C LEU A 50 3.02 -7.86 2.16
N ASN A 51 4.13 -8.43 1.71
CA ASN A 51 4.12 -9.56 0.78
C ASN A 51 3.13 -9.35 -0.35
N ALA A 52 3.25 -8.19 -0.98
CA ALA A 52 2.27 -7.69 -1.93
C ALA A 52 2.80 -7.79 -3.35
N LYS A 53 1.88 -7.94 -4.29
CA LYS A 53 2.24 -7.84 -5.70
C LYS A 53 2.80 -6.45 -5.98
N VAL A 54 3.84 -6.37 -6.81
CA VAL A 54 4.36 -5.08 -7.23
C VAL A 54 3.38 -4.39 -8.17
N SER A 55 3.22 -3.10 -7.99
CA SER A 55 2.54 -2.23 -8.95
C SER A 55 3.12 -0.83 -8.77
N SER A 56 3.14 -0.05 -9.83
CA SER A 56 3.54 1.34 -9.68
C SER A 56 2.63 2.07 -8.69
N GLU A 57 1.34 1.76 -8.72
CA GLU A 57 0.39 2.43 -7.85
C GLU A 57 0.68 2.16 -6.38
N LEU A 58 0.95 0.90 -6.04
CA LEU A 58 1.22 0.60 -4.65
C LEU A 58 2.53 1.26 -4.19
N LEU A 59 3.56 1.23 -5.04
CA LEU A 59 4.82 1.87 -4.67
C LEU A 59 4.59 3.36 -4.39
N ILE A 60 3.86 4.03 -5.27
CA ILE A 60 3.59 5.45 -5.07
C ILE A 60 2.82 5.68 -3.78
N ASN A 61 1.76 4.88 -3.54
CA ASN A 61 0.97 5.08 -2.34
C ASN A 61 1.79 4.86 -1.07
N ILE A 62 2.76 3.95 -1.12
CA ILE A 62 3.59 3.69 0.06
C ILE A 62 4.38 4.94 0.47
N PHE A 63 4.95 5.64 -0.50
CA PHE A 63 5.88 6.72 -0.19
C PHE A 63 5.26 8.11 -0.08
N ILE A 64 3.94 8.22 -0.09
CA ILE A 64 3.37 9.56 0.03
C ILE A 64 3.82 10.18 1.35
N PRO A 65 4.26 11.43 1.38
CA PRO A 65 4.78 11.99 2.63
C PRO A 65 3.70 12.06 3.70
N ASN A 66 4.14 11.98 4.95
CA ASN A 66 3.28 12.10 6.13
C ASN A 66 2.22 11.00 6.20
N THR A 67 2.59 9.79 5.79
CA THR A 67 1.74 8.62 5.88
C THR A 67 2.44 7.57 6.72
N PRO A 68 1.71 6.56 7.20
CA PRO A 68 2.36 5.53 8.04
C PRO A 68 3.55 4.84 7.38
N LEU A 69 3.49 4.56 6.08
CA LEU A 69 4.47 3.66 5.47
C LEU A 69 5.65 4.38 4.83
N HIS A 70 5.67 5.71 4.78
CA HIS A 70 6.65 6.38 3.94
C HIS A 70 8.03 6.47 4.58
N ASP A 71 8.14 6.29 5.90
CA ASP A 71 9.41 6.43 6.61
C ASP A 71 10.10 5.08 6.63
N GLY A 72 11.26 4.99 6.03
CA GLY A 72 12.00 3.75 5.97
C GLY A 72 12.01 3.18 4.57
N ALA A 73 12.61 2.01 4.44
CA ALA A 73 12.82 1.39 3.15
C ALA A 73 11.70 0.40 2.81
N VAL A 74 11.29 0.39 1.54
CA VAL A 74 10.63 -0.77 0.96
C VAL A 74 11.68 -1.78 0.59
N ILE A 75 11.46 -3.05 0.92
CA ILE A 75 12.34 -4.13 0.51
C ILE A 75 11.56 -5.08 -0.37
N MET A 76 12.06 -5.30 -1.58
CA MET A 76 11.48 -6.23 -2.53
C MET A 76 12.29 -7.51 -2.53
N LYS A 77 11.58 -8.64 -2.62
CA LYS A 77 12.17 -9.98 -2.61
C LYS A 77 11.27 -10.87 -3.45
N ASN A 78 11.87 -11.69 -4.30
CA ASN A 78 11.11 -12.66 -5.10
C ASN A 78 9.94 -12.02 -5.84
N ASN A 79 10.18 -10.84 -6.42
CA ASN A 79 9.22 -10.17 -7.28
C ASN A 79 7.97 -9.70 -6.51
N GLU A 80 8.11 -9.47 -5.23
CA GLU A 80 7.03 -8.93 -4.40
C GLU A 80 7.59 -7.85 -3.51
N ILE A 81 6.72 -6.98 -3.03
CA ILE A 81 7.08 -6.04 -1.98
C ILE A 81 6.97 -6.78 -0.65
N ALA A 82 8.11 -7.12 -0.04
CA ALA A 82 8.08 -7.92 1.18
C ALA A 82 7.58 -7.09 2.37
N ALA A 83 8.12 -5.89 2.55
CA ALA A 83 7.78 -5.05 3.68
C ALA A 83 8.08 -3.61 3.36
N ALA A 84 7.48 -2.71 4.12
CA ALA A 84 7.72 -1.28 4.01
C ALA A 84 8.14 -0.74 5.37
N ALA A 85 8.67 0.48 5.38
CA ALA A 85 9.07 1.14 6.62
C ALA A 85 10.15 0.35 7.34
N CYS A 86 11.07 -0.23 6.58
CA CYS A 86 12.10 -1.07 7.15
C CYS A 86 13.33 -0.25 7.51
N TYR A 87 14.04 -0.72 8.54
CA TYR A 87 15.33 -0.17 8.92
C TYR A 87 16.40 -0.67 7.98
N LEU A 88 17.32 0.23 7.60
CA LEU A 88 18.56 -0.11 6.94
C LEU A 88 19.69 0.55 7.70
N PRO A 89 20.87 -0.07 7.72
CA PRO A 89 21.99 0.51 8.49
C PRO A 89 22.57 1.73 7.77
N LEU A 90 22.91 2.75 8.55
CA LEU A 90 23.48 3.96 7.99
C LEU A 90 24.97 3.78 7.75
N SER A 91 25.41 4.11 6.54
CA SER A 91 26.83 4.09 6.21
C SER A 91 27.58 5.17 6.97
N GLU A 92 28.82 4.86 7.33
CA GLU A 92 29.79 5.81 7.85
C GLU A 92 30.83 6.18 6.80
N SER A 93 30.56 5.88 5.55
CA SER A 93 31.52 6.19 4.50
C SER A 93 31.76 7.69 4.43
N PRO A 94 33.02 8.15 4.45
CA PRO A 94 33.25 9.59 4.34
C PRO A 94 33.19 10.11 2.91
N PHE A 95 32.84 9.26 1.94
CA PHE A 95 32.90 9.58 0.52
C PHE A 95 31.51 9.71 -0.11
N ILE A 96 30.50 9.92 0.69
CA ILE A 96 29.16 10.25 0.22
C ILE A 96 29.06 11.76 0.17
N SER A 97 28.49 12.30 -0.90
CA SER A 97 28.28 13.74 -0.99
C SER A 97 27.70 14.28 0.31
N LYS A 98 28.31 15.36 0.81
CA LYS A 98 27.91 15.89 2.11
C LYS A 98 26.52 16.52 2.08
N GLU A 99 26.00 16.85 0.90
CA GLU A 99 24.66 17.43 0.83
C GLU A 99 23.55 16.40 1.00
N LEU A 100 23.89 15.13 1.11
CA LEU A 100 22.90 14.06 1.19
C LEU A 100 22.65 13.65 2.63
N GLY A 101 21.44 13.17 2.87
CA GLY A 101 21.01 12.83 4.20
C GLY A 101 20.74 11.35 4.44
N THR A 102 19.82 11.06 5.36
CA THR A 102 19.74 9.73 5.96
C THR A 102 19.32 8.67 4.96
N ARG A 103 18.42 9.01 4.04
CA ARG A 103 17.96 8.05 3.04
C ARG A 103 19.13 7.53 2.23
N HIS A 104 19.99 8.44 1.79
CA HIS A 104 21.12 8.03 0.97
C HIS A 104 22.15 7.25 1.77
N ARG A 105 22.40 7.66 3.02
CA ARG A 105 23.35 6.92 3.84
C ARG A 105 22.81 5.55 4.18
N ALA A 106 21.51 5.41 4.33
CA ALA A 106 20.91 4.11 4.61
C ALA A 106 21.06 3.20 3.40
N ALA A 107 20.85 3.76 2.21
CA ALA A 107 21.02 2.98 0.96
C ALA A 107 22.47 2.52 0.82
N VAL A 108 23.42 3.43 0.97
CA VAL A 108 24.82 3.04 0.87
C VAL A 108 25.14 2.00 1.94
N GLY A 109 24.60 2.21 3.15
CA GLY A 109 24.88 1.30 4.25
C GLY A 109 24.47 -0.14 3.95
N ILE A 110 23.25 -0.35 3.46
CA ILE A 110 22.84 -1.71 3.14
C ILE A 110 23.65 -2.27 1.98
N SER A 111 24.06 -1.42 1.03
CA SER A 111 24.87 -1.86 -0.10
C SER A 111 26.28 -2.26 0.29
N GLU A 112 26.72 -1.88 1.49
CA GLU A 112 28.06 -2.24 1.95
C GLU A 112 28.12 -3.66 2.50
N VAL A 113 26.97 -4.24 2.87
CA VAL A 113 26.95 -5.53 3.54
C VAL A 113 26.03 -6.52 2.84
N THR A 114 25.57 -6.17 1.63
CA THR A 114 24.74 -7.04 0.83
C THR A 114 25.06 -6.77 -0.63
N ASP A 115 24.60 -7.67 -1.51
CA ASP A 115 24.69 -7.45 -2.94
C ASP A 115 23.42 -6.83 -3.50
N SER A 116 22.61 -6.20 -2.65
CA SER A 116 21.34 -5.65 -3.08
C SER A 116 21.55 -4.40 -3.94
N LEU A 117 20.49 -4.01 -4.63
CA LEU A 117 20.45 -2.76 -5.37
C LEU A 117 19.40 -1.87 -4.72
N THR A 118 19.77 -0.66 -4.35
CA THR A 118 18.85 0.27 -3.72
C THR A 118 18.66 1.50 -4.58
N ILE A 119 17.41 1.93 -4.75
CA ILE A 119 17.07 3.15 -5.47
C ILE A 119 16.66 4.20 -4.46
N ILE A 120 17.13 5.42 -4.64
CA ILE A 120 16.81 6.54 -3.76
C ILE A 120 16.28 7.68 -4.62
N VAL A 121 15.17 8.29 -4.18
CA VAL A 121 14.70 9.56 -4.74
C VAL A 121 14.89 10.62 -3.67
N SER A 122 15.58 11.70 -4.02
CA SER A 122 15.83 12.77 -3.08
C SER A 122 14.59 13.64 -2.88
N GLU A 123 14.22 13.86 -1.62
CA GLU A 123 13.15 14.80 -1.35
C GLU A 123 13.55 16.25 -1.56
N GLU A 124 14.85 16.54 -1.62
CA GLU A 124 15.28 17.92 -1.83
C GLU A 124 15.24 18.29 -3.30
N THR A 125 15.62 17.36 -4.19
CA THR A 125 15.81 17.68 -5.60
C THR A 125 15.00 16.81 -6.54
N GLY A 126 14.44 15.70 -6.08
CA GLY A 126 13.87 14.72 -6.99
C GLY A 126 14.91 13.91 -7.74
N GLY A 127 16.19 14.14 -7.47
CA GLY A 127 17.23 13.35 -8.12
C GLY A 127 17.16 11.88 -7.73
N VAL A 128 17.49 11.03 -8.69
CA VAL A 128 17.44 9.59 -8.54
C VAL A 128 18.86 9.05 -8.47
N SER A 129 19.10 8.16 -7.51
CA SER A 129 20.41 7.55 -7.36
C SER A 129 20.23 6.08 -7.03
N VAL A 130 21.31 5.32 -7.18
CA VAL A 130 21.34 3.89 -6.89
C VAL A 130 22.58 3.59 -6.07
N ALA A 131 22.40 2.81 -5.00
CA ALA A 131 23.50 2.33 -4.19
C ALA A 131 23.72 0.85 -4.47
N LYS A 132 24.99 0.51 -4.69
CA LYS A 132 25.40 -0.87 -4.90
C LYS A 132 26.87 -0.97 -4.53
N ASN A 133 27.22 -2.04 -3.83
CA ASN A 133 28.62 -2.36 -3.50
C ASN A 133 29.29 -1.26 -2.69
N GLY A 134 28.52 -0.42 -1.99
CA GLY A 134 29.09 0.63 -1.18
C GLY A 134 29.27 1.96 -1.88
N ASP A 135 28.88 2.05 -3.14
CA ASP A 135 28.97 3.27 -3.92
C ASP A 135 27.58 3.77 -4.29
N LEU A 136 27.49 5.08 -4.39
CA LEU A 136 26.25 5.75 -4.75
C LEU A 136 26.44 6.37 -6.13
N HIS A 137 25.55 6.02 -7.04
CA HIS A 137 25.54 6.52 -8.40
C HIS A 137 24.44 7.56 -8.52
N ARG A 138 24.84 8.81 -8.63
CA ARG A 138 23.93 9.93 -8.47
C ARG A 138 23.46 10.46 -9.82
N GLU A 139 22.38 11.23 -9.74
CA GLU A 139 21.86 12.02 -10.84
C GLU A 139 21.66 11.16 -12.09
N LEU A 140 20.90 10.09 -11.90
CA LEU A 140 20.62 9.17 -12.98
C LEU A 140 19.48 9.66 -13.86
N THR A 141 19.60 9.41 -15.16
CA THR A 141 18.48 9.53 -16.06
C THR A 141 17.59 8.30 -15.96
N GLU A 142 16.39 8.42 -16.52
CA GLU A 142 15.49 7.27 -16.61
C GLU A 142 16.16 6.11 -17.32
N GLU A 143 16.86 6.40 -18.42
CA GLU A 143 17.51 5.34 -19.18
C GLU A 143 18.61 4.67 -18.38
N ALA A 144 19.36 5.45 -17.58
CA ALA A 144 20.43 4.87 -16.78
C ALA A 144 19.86 3.96 -15.69
N LEU A 145 18.77 4.39 -15.04
CA LEU A 145 18.16 3.55 -14.02
C LEU A 145 17.68 2.23 -14.62
N LYS A 146 17.03 2.30 -15.80
CA LYS A 146 16.56 1.10 -16.45
C LYS A 146 17.72 0.18 -16.79
N GLU A 147 18.81 0.73 -17.32
CA GLU A 147 19.98 -0.08 -17.63
C GLU A 147 20.49 -0.78 -16.38
N MET A 148 20.51 -0.08 -15.24
CA MET A 148 21.00 -0.73 -14.02
C MET A 148 20.07 -1.84 -13.58
N LEU A 149 18.75 -1.62 -13.65
CA LEU A 149 17.81 -2.66 -13.27
C LEU A 149 17.93 -3.86 -14.19
N GLU A 150 18.08 -3.64 -15.50
CA GLU A 150 18.23 -4.77 -16.41
C GLU A 150 19.55 -5.50 -16.16
N ALA A 151 20.61 -4.75 -15.86
CA ALA A 151 21.90 -5.38 -15.60
C ALA A 151 21.84 -6.25 -14.36
N GLU A 152 21.14 -5.79 -13.34
CA GLU A 152 21.03 -6.50 -12.08
C GLU A 152 20.24 -7.79 -12.27
N PRO B 2 -7.48 -19.79 22.15
CA PRO B 2 -7.95 -19.46 20.80
C PRO B 2 -7.09 -20.10 19.71
N THR B 3 -7.72 -20.48 18.60
CA THR B 3 -6.97 -21.09 17.52
C THR B 3 -6.19 -20.02 16.77
N PRO B 4 -5.18 -20.41 15.99
CA PRO B 4 -4.54 -19.44 15.10
C PRO B 4 -5.52 -18.71 14.20
N VAL B 5 -6.52 -19.40 13.67
CA VAL B 5 -7.50 -18.75 12.80
C VAL B 5 -8.23 -17.64 13.55
N GLU B 6 -8.61 -17.91 14.79
CA GLU B 6 -9.32 -16.92 15.58
C GLU B 6 -8.42 -15.75 15.95
N GLU B 7 -7.16 -16.03 16.27
CA GLU B 7 -6.23 -14.95 16.58
C GLU B 7 -5.98 -14.08 15.36
N ALA B 8 -5.81 -14.70 14.19
CA ALA B 8 -5.62 -13.94 12.97
C ALA B 8 -6.83 -13.06 12.67
N GLN B 9 -8.03 -13.59 12.88
CA GLN B 9 -9.22 -12.78 12.68
C GLN B 9 -9.22 -11.57 13.60
N GLN B 10 -8.83 -11.78 14.86
CA GLN B 10 -8.77 -10.67 15.81
C GLN B 10 -7.78 -9.60 15.37
N LYS B 11 -6.62 -10.01 14.87
CA LYS B 11 -5.63 -9.05 14.38
C LYS B 11 -6.17 -8.26 13.20
N THR B 12 -6.89 -8.93 12.29
CA THR B 12 -7.43 -8.26 11.12
C THR B 12 -8.48 -7.23 11.53
N ILE B 13 -9.34 -7.60 12.48
CA ILE B 13 -10.35 -6.67 12.98
C ILE B 13 -9.69 -5.47 13.64
N GLU B 14 -8.65 -5.71 14.44
CA GLU B 14 -7.92 -4.60 15.07
C GLU B 14 -7.30 -3.69 14.01
N ALA B 15 -6.72 -4.26 12.96
CA ALA B 15 -6.10 -3.46 11.91
C ALA B 15 -7.15 -2.62 11.20
N ILE B 16 -8.28 -3.22 10.86
CA ILE B 16 -9.37 -2.50 10.19
C ILE B 16 -9.87 -1.37 11.07
N THR B 17 -10.20 -1.68 12.34
CA THR B 17 -10.80 -0.64 13.18
C THR B 17 -9.82 0.52 13.41
N LYS B 18 -8.52 0.23 13.56
CA LYS B 18 -7.54 1.30 13.75
C LYS B 18 -7.46 2.19 12.52
N ALA B 19 -7.50 1.57 11.33
CA ALA B 19 -7.44 2.33 10.08
C ALA B 19 -8.69 3.18 9.91
N ILE B 20 -9.87 2.57 10.13
CA ILE B 20 -11.13 3.33 10.01
C ILE B 20 -11.16 4.50 10.98
N ASN B 21 -10.72 4.30 12.22
CA ASN B 21 -10.76 5.37 13.21
C ASN B 21 -9.84 6.53 12.79
N TYR B 22 -8.64 6.21 12.31
CA TYR B 22 -7.71 7.23 11.81
C TYR B 22 -8.33 8.02 10.66
N MET B 23 -8.97 7.34 9.71
CA MET B 23 -9.50 8.03 8.54
C MET B 23 -10.74 8.83 8.91
N ALA B 24 -11.59 8.28 9.77
CA ALA B 24 -12.75 9.03 10.25
C ALA B 24 -12.33 10.35 10.86
N LYS B 25 -11.31 10.32 11.73
CA LYS B 25 -10.87 11.54 12.41
C LYS B 25 -10.37 12.59 11.43
N ARG B 26 -9.83 12.17 10.29
CA ARG B 26 -9.24 13.07 9.31
C ARG B 26 -10.12 13.31 8.10
N ARG B 27 -11.36 12.81 8.12
CA ARG B 27 -12.26 12.93 6.98
C ARG B 27 -11.61 12.38 5.71
N ILE B 28 -10.89 11.27 5.82
CA ILE B 28 -10.36 10.56 4.67
C ILE B 28 -11.43 9.59 4.17
N GLY B 29 -11.94 9.85 2.97
CA GLY B 29 -12.96 8.97 2.40
C GLY B 29 -12.41 7.57 2.19
N ALA B 30 -13.25 6.57 2.46
CA ALA B 30 -12.79 5.21 2.29
C ALA B 30 -13.96 4.29 2.02
N LEU B 31 -13.65 3.18 1.34
CA LEU B 31 -14.64 2.20 0.92
C LEU B 31 -13.94 0.85 0.99
N LEU B 32 -14.37 0.01 1.95
CA LEU B 32 -13.66 -1.23 2.28
C LEU B 32 -14.68 -2.36 2.38
N THR B 33 -14.63 -3.26 1.40
CA THR B 33 -15.55 -4.40 1.34
C THR B 33 -14.83 -5.66 1.80
N ILE B 34 -15.46 -6.39 2.71
CA ILE B 34 -14.93 -7.64 3.23
C ILE B 34 -15.73 -8.77 2.62
N GLU B 35 -15.06 -9.59 1.80
CA GLU B 35 -15.70 -10.72 1.18
C GLU B 35 -16.11 -11.72 2.26
N ARG B 36 -17.30 -12.31 2.08
CA ARG B 36 -17.79 -13.34 2.99
C ARG B 36 -17.93 -14.62 2.19
N ASP B 37 -19.12 -15.23 2.14
CA ASP B 37 -19.27 -16.50 1.45
C ASP B 37 -19.57 -16.35 -0.04
N THR B 38 -20.11 -15.22 -0.47
CA THR B 38 -20.32 -14.97 -1.89
C THR B 38 -19.02 -14.43 -2.48
N GLY B 39 -18.47 -15.15 -3.45
CA GLY B 39 -17.18 -14.77 -4.00
C GLY B 39 -17.27 -13.47 -4.78
N MET B 40 -16.25 -12.67 -4.62
CA MET B 40 -16.19 -11.35 -5.23
C MET B 40 -15.12 -11.18 -6.27
N GLY B 41 -14.72 -12.30 -6.85
CA GLY B 41 -13.62 -12.28 -7.80
C GLY B 41 -13.84 -11.33 -8.96
N ASP B 42 -15.06 -11.26 -9.49
CA ASP B 42 -15.32 -10.42 -10.66
C ASP B 42 -15.03 -8.95 -10.34
N TYR B 43 -15.27 -8.54 -9.11
CA TYR B 43 -15.01 -7.16 -8.69
C TYR B 43 -13.56 -6.95 -8.31
N ILE B 44 -12.95 -7.95 -7.68
CA ILE B 44 -11.54 -7.89 -7.35
C ILE B 44 -10.71 -7.68 -8.61
N GLU B 45 -11.10 -8.35 -9.69
CA GLU B 45 -10.35 -8.30 -10.93
C GLU B 45 -10.46 -6.97 -11.65
N THR B 46 -11.35 -6.08 -11.22
CA THR B 46 -11.41 -4.75 -11.81
C THR B 46 -10.39 -3.80 -11.21
N GLY B 47 -9.77 -4.16 -10.09
CA GLY B 47 -8.88 -3.25 -9.37
C GLY B 47 -7.42 -3.54 -9.65
N ILE B 48 -6.57 -2.90 -8.85
CA ILE B 48 -5.12 -3.13 -8.89
C ILE B 48 -4.83 -4.28 -7.93
N PRO B 49 -4.21 -5.37 -8.39
CA PRO B 49 -3.97 -6.50 -7.49
C PRO B 49 -2.93 -6.15 -6.44
N LEU B 50 -3.22 -6.49 -5.18
CA LEU B 50 -2.27 -6.39 -4.08
C LEU B 50 -1.94 -7.73 -3.45
N ASN B 51 -2.97 -8.50 -3.06
CA ASN B 51 -2.76 -9.78 -2.36
C ASN B 51 -1.81 -9.59 -1.18
N ALA B 52 -2.04 -8.53 -0.41
CA ALA B 52 -1.13 -8.08 0.63
C ALA B 52 -1.64 -8.47 2.00
N LYS B 53 -0.71 -8.69 2.92
CA LYS B 53 -1.08 -8.86 4.31
C LYS B 53 -1.76 -7.58 4.82
N VAL B 54 -2.77 -7.75 5.66
CA VAL B 54 -3.47 -6.59 6.21
C VAL B 54 -2.58 -5.91 7.23
N SER B 55 -2.62 -4.57 7.24
CA SER B 55 -2.11 -3.77 8.33
C SER B 55 -2.93 -2.49 8.36
N SER B 56 -3.02 -1.87 9.52
CA SER B 56 -3.68 -0.56 9.57
C SER B 56 -2.92 0.45 8.71
N GLU B 57 -1.59 0.35 8.70
CA GLU B 57 -0.75 1.28 7.95
C GLU B 57 -1.03 1.19 6.44
N LEU B 58 -1.11 -0.02 5.89
CA LEU B 58 -1.40 -0.13 4.47
C LEU B 58 -2.80 0.36 4.13
N LEU B 59 -3.80 0.02 4.96
CA LEU B 59 -5.15 0.52 4.69
C LEU B 59 -5.17 2.04 4.65
N ILE B 60 -4.52 2.69 5.62
CA ILE B 60 -4.50 4.14 5.63
C ILE B 60 -3.80 4.68 4.40
N ASN B 61 -2.62 4.12 4.06
CA ASN B 61 -1.86 4.60 2.92
C ASN B 61 -2.67 4.49 1.63
N ILE B 62 -3.47 3.43 1.48
CA ILE B 62 -4.24 3.24 0.27
C ILE B 62 -5.22 4.38 0.02
N PHE B 63 -5.87 4.87 1.07
CA PHE B 63 -6.94 5.84 0.88
C PHE B 63 -6.53 7.29 0.98
N ILE B 64 -5.25 7.60 1.13
CA ILE B 64 -4.84 9.01 1.20
C ILE B 64 -5.35 9.75 -0.04
N PRO B 65 -6.02 10.89 0.12
CA PRO B 65 -6.56 11.57 -1.06
C PRO B 65 -5.52 11.88 -2.12
N ASN B 66 -5.99 11.91 -3.37
CA ASN B 66 -5.19 12.30 -4.53
C ASN B 66 -4.03 11.37 -4.80
N THR B 67 -4.21 10.10 -4.49
CA THR B 67 -3.20 9.10 -4.80
C THR B 67 -3.72 8.04 -5.75
N PRO B 68 -2.85 7.21 -6.32
CA PRO B 68 -3.34 6.25 -7.32
C PRO B 68 -4.40 5.30 -6.79
N LEU B 69 -4.32 4.87 -5.54
CA LEU B 69 -5.18 3.81 -5.04
C LEU B 69 -6.42 4.26 -4.28
N HIS B 70 -6.65 5.57 -4.15
CA HIS B 70 -7.66 6.00 -3.19
C HIS B 70 -9.10 5.96 -3.69
N ASP B 71 -9.31 5.96 -5.00
CA ASP B 71 -10.65 5.97 -5.58
C ASP B 71 -11.02 4.54 -5.94
N GLY B 72 -12.23 4.14 -5.57
CA GLY B 72 -12.66 2.77 -5.71
C GLY B 72 -12.56 2.04 -4.40
N ALA B 73 -12.98 0.78 -4.44
CA ALA B 73 -13.08 -0.04 -3.24
C ALA B 73 -11.81 -0.85 -3.00
N VAL B 74 -11.40 -0.95 -1.75
CA VAL B 74 -10.54 -2.04 -1.31
C VAL B 74 -11.41 -3.25 -1.05
N ILE B 75 -10.99 -4.42 -1.54
CA ILE B 75 -11.68 -5.66 -1.28
C ILE B 75 -10.74 -6.59 -0.52
N MET B 76 -11.18 -7.06 0.63
CA MET B 76 -10.44 -7.96 1.48
C MET B 76 -11.01 -9.37 1.38
N LYS B 77 -10.10 -10.33 1.41
CA LYS B 77 -10.44 -11.74 1.48
C LYS B 77 -9.73 -12.26 2.72
N ASN B 78 -10.50 -12.59 3.76
CA ASN B 78 -9.96 -13.09 5.01
C ASN B 78 -8.92 -12.10 5.51
N ASN B 79 -7.68 -12.53 5.64
CA ASN B 79 -6.64 -11.69 6.23
C ASN B 79 -5.76 -11.07 5.17
N GLU B 80 -6.30 -10.81 3.99
CA GLU B 80 -5.53 -10.17 2.93
C GLU B 80 -6.33 -9.06 2.27
N ILE B 81 -5.61 -8.02 1.85
CA ILE B 81 -6.12 -6.98 0.97
C ILE B 81 -5.94 -7.53 -0.45
N ALA B 82 -7.03 -7.97 -1.08
CA ALA B 82 -6.89 -8.61 -2.39
C ALA B 82 -6.56 -7.58 -3.47
N ALA B 83 -7.25 -6.45 -3.48
CA ALA B 83 -7.09 -5.46 -4.52
C ALA B 83 -7.62 -4.13 -4.02
N ALA B 84 -7.17 -3.07 -4.66
CA ALA B 84 -7.61 -1.71 -4.35
C ALA B 84 -8.10 -1.06 -5.64
N ALA B 85 -8.80 0.08 -5.50
CA ALA B 85 -9.37 0.81 -6.64
C ALA B 85 -10.31 -0.06 -7.47
N CYS B 86 -11.10 -0.87 -6.81
CA CYS B 86 -12.02 -1.78 -7.49
C CYS B 86 -13.35 -1.09 -7.77
N TYR B 87 -14.00 -1.52 -8.85
CA TYR B 87 -15.36 -1.13 -9.17
C TYR B 87 -16.34 -1.96 -8.36
N LEU B 88 -17.40 -1.30 -7.90
CA LEU B 88 -18.58 -1.90 -7.30
C LEU B 88 -19.80 -1.31 -7.98
N PRO B 89 -20.89 -2.08 -8.09
CA PRO B 89 -22.10 -1.56 -8.73
C PRO B 89 -22.78 -0.56 -7.81
N LEU B 90 -23.43 0.44 -8.42
CA LEU B 90 -24.12 1.48 -7.66
C LEU B 90 -25.56 1.06 -7.40
N SER B 91 -25.97 1.13 -6.13
CA SER B 91 -27.35 0.85 -5.77
C SER B 91 -28.25 1.99 -6.21
N GLU B 92 -29.47 1.62 -6.60
CA GLU B 92 -30.55 2.56 -6.87
C GLU B 92 -31.56 2.61 -5.74
N SER B 93 -31.18 2.10 -4.56
CA SER B 93 -32.13 2.06 -3.44
C SER B 93 -32.59 3.46 -3.06
N PRO B 94 -33.88 3.65 -2.79
CA PRO B 94 -34.35 4.96 -2.30
C PRO B 94 -34.03 5.23 -0.84
N PHE B 95 -33.48 4.26 -0.11
CA PHE B 95 -33.18 4.41 1.31
C PHE B 95 -31.73 4.80 1.55
N ILE B 96 -31.07 5.32 0.53
CA ILE B 96 -29.74 5.90 0.68
C ILE B 96 -29.94 7.41 0.81
N SER B 97 -29.49 7.97 1.93
CA SER B 97 -29.66 9.41 2.17
C SER B 97 -29.23 10.21 0.94
N LYS B 98 -30.05 11.17 0.55
CA LYS B 98 -29.85 11.84 -0.73
C LYS B 98 -28.53 12.61 -0.78
N GLU B 99 -28.02 13.05 0.36
CA GLU B 99 -26.77 13.80 0.36
C GLU B 99 -25.54 12.93 0.15
N LEU B 100 -25.67 11.62 0.25
CA LEU B 100 -24.52 10.73 0.16
C LEU B 100 -24.06 10.54 -1.28
N GLY B 101 -22.75 10.35 -1.43
CA GLY B 101 -22.12 10.23 -2.71
C GLY B 101 -21.89 8.80 -3.16
N THR B 102 -20.99 8.67 -4.13
CA THR B 102 -20.81 7.40 -4.85
C THR B 102 -20.29 6.28 -3.95
N ARG B 103 -19.42 6.59 -2.98
CA ARG B 103 -18.89 5.51 -2.16
C ARG B 103 -20.02 4.77 -1.44
N HIS B 104 -20.96 5.51 -0.86
CA HIS B 104 -22.07 4.87 -0.17
C HIS B 104 -22.97 4.11 -1.12
N ARG B 105 -23.20 4.65 -2.30
CA ARG B 105 -24.05 3.98 -3.27
C ARG B 105 -23.38 2.71 -3.80
N ALA B 106 -22.05 2.74 -3.95
CA ALA B 106 -21.31 1.54 -4.34
C ALA B 106 -21.36 0.48 -3.24
N ALA B 107 -21.25 0.91 -1.98
CA ALA B 107 -21.27 -0.03 -0.86
C ALA B 107 -22.62 -0.72 -0.77
N VAL B 108 -23.70 0.05 -0.82
CA VAL B 108 -25.01 -0.59 -0.79
C VAL B 108 -25.19 -1.47 -2.01
N GLY B 109 -24.68 -1.03 -3.17
CA GLY B 109 -24.81 -1.84 -4.38
C GLY B 109 -24.19 -3.21 -4.28
N ILE B 110 -22.95 -3.29 -3.78
CA ILE B 110 -22.34 -4.61 -3.65
C ILE B 110 -23.06 -5.43 -2.59
N SER B 111 -23.60 -4.77 -1.56
CA SER B 111 -24.31 -5.46 -0.50
C SER B 111 -25.64 -6.05 -0.97
N GLU B 112 -26.16 -5.63 -2.13
CA GLU B 112 -27.40 -6.16 -2.68
C GLU B 112 -27.18 -7.45 -3.44
N VAL B 113 -25.95 -7.77 -3.82
CA VAL B 113 -25.70 -8.94 -4.67
C VAL B 113 -24.66 -9.87 -4.06
N THR B 114 -24.27 -9.60 -2.82
CA THR B 114 -23.36 -10.45 -2.07
C THR B 114 -23.72 -10.37 -0.60
N ASP B 115 -23.15 -11.29 0.18
CA ASP B 115 -23.26 -11.25 1.64
C ASP B 115 -22.08 -10.53 2.28
N SER B 116 -21.36 -9.70 1.53
CA SER B 116 -20.19 -9.01 2.05
C SER B 116 -20.60 -7.93 3.04
N LEU B 117 -19.62 -7.47 3.81
CA LEU B 117 -19.80 -6.34 4.71
C LEU B 117 -18.90 -5.22 4.21
N THR B 118 -19.47 -4.05 3.95
CA THR B 118 -18.71 -2.91 3.45
C THR B 118 -18.73 -1.78 4.48
N ILE B 119 -17.58 -1.24 4.75
CA ILE B 119 -17.41 -0.08 5.62
C ILE B 119 -17.15 1.14 4.77
N ILE B 120 -17.78 2.27 5.10
CA ILE B 120 -17.59 3.52 4.37
C ILE B 120 -17.23 4.61 5.38
N VAL B 121 -16.20 5.39 5.07
CA VAL B 121 -15.93 6.63 5.79
C VAL B 121 -16.29 7.80 4.88
N SER B 122 -17.11 8.73 5.39
CA SER B 122 -17.50 9.87 4.58
C SER B 122 -16.39 10.94 4.58
N GLU B 123 -16.01 11.39 3.38
CA GLU B 123 -15.05 12.48 3.30
C GLU B 123 -15.68 13.81 3.65
N GLU B 124 -17.02 13.88 3.73
CA GLU B 124 -17.68 15.13 4.08
C GLU B 124 -17.76 15.31 5.59
N THR B 125 -18.12 14.25 6.31
CA THR B 125 -18.39 14.38 7.74
C THR B 125 -17.48 13.56 8.62
N GLY B 126 -16.77 12.58 8.07
CA GLY B 126 -16.01 11.61 8.84
C GLY B 126 -16.86 10.51 9.45
N GLY B 127 -18.17 10.53 9.19
CA GLY B 127 -19.03 9.49 9.72
C GLY B 127 -18.72 8.14 9.10
N VAL B 128 -18.92 7.11 9.89
CA VAL B 128 -18.65 5.73 9.52
C VAL B 128 -19.96 4.98 9.38
N SER B 129 -20.10 4.26 8.26
CA SER B 129 -21.29 3.48 8.01
C SER B 129 -20.91 2.10 7.51
N VAL B 130 -21.88 1.20 7.56
CA VAL B 130 -21.72 -0.17 7.09
C VAL B 130 -22.91 -0.53 6.20
N ALA B 131 -22.62 -1.21 5.09
CA ALA B 131 -23.63 -1.74 4.19
C ALA B 131 -23.59 -3.25 4.23
N LYS B 132 -24.77 -3.85 4.40
CA LYS B 132 -24.92 -5.29 4.50
C LYS B 132 -26.34 -5.63 4.08
N ASN B 133 -26.47 -6.55 3.13
CA ASN B 133 -27.77 -7.09 2.73
C ASN B 133 -28.72 -6.00 2.24
N GLY B 134 -28.19 -5.01 1.55
CA GLY B 134 -28.99 -3.94 1.00
C GLY B 134 -29.29 -2.79 1.94
N ASP B 135 -28.86 -2.86 3.19
CA ASP B 135 -29.14 -1.84 4.18
C ASP B 135 -27.89 -1.06 4.55
N LEU B 136 -28.04 0.24 4.70
CA LEU B 136 -26.96 1.10 5.14
C LEU B 136 -27.25 1.56 6.57
N HIS B 137 -26.29 1.35 7.45
CA HIS B 137 -26.35 1.74 8.85
C HIS B 137 -25.31 2.83 9.07
N ARG B 138 -25.75 4.03 9.42
CA ARG B 138 -24.90 5.21 9.44
C ARG B 138 -24.48 5.59 10.85
N GLU B 139 -23.50 6.51 10.92
CA GLU B 139 -23.11 7.20 12.15
C GLU B 139 -22.73 6.22 13.26
N LEU B 140 -21.94 5.20 12.91
CA LEU B 140 -21.56 4.18 13.87
C LEU B 140 -20.50 4.69 14.83
N THR B 141 -20.65 4.34 16.09
CA THR B 141 -19.59 4.56 17.06
C THR B 141 -18.47 3.56 16.79
N GLU B 142 -17.30 3.83 17.37
CA GLU B 142 -16.20 2.87 17.27
C GLU B 142 -16.63 1.52 17.84
N GLU B 143 -17.36 1.54 18.95
CA GLU B 143 -17.77 0.30 19.58
C GLU B 143 -18.69 -0.50 18.67
N ALA B 144 -19.65 0.17 18.03
CA ALA B 144 -20.61 -0.51 17.18
C ALA B 144 -19.93 -1.14 15.98
N LEU B 145 -18.97 -0.42 15.37
CA LEU B 145 -18.27 -0.99 14.23
C LEU B 145 -17.52 -2.25 14.64
N LYS B 146 -16.81 -2.21 15.76
CA LYS B 146 -16.03 -3.38 16.17
C LYS B 146 -16.95 -4.55 16.47
N GLU B 147 -18.10 -4.28 17.11
CA GLU B 147 -19.06 -5.35 17.39
C GLU B 147 -19.59 -5.95 16.09
N MET B 148 -19.92 -5.10 15.10
CA MET B 148 -20.39 -5.61 13.82
C MET B 148 -19.36 -6.52 13.18
N LEU B 149 -18.09 -6.09 13.20
CA LEU B 149 -17.03 -6.90 12.60
C LEU B 149 -16.83 -8.20 13.35
N GLU B 150 -16.85 -8.16 14.68
CA GLU B 150 -16.72 -9.39 15.45
C GLU B 150 -17.87 -10.35 15.14
N ALA B 151 -19.09 -9.83 15.05
CA ALA B 151 -20.23 -10.69 14.75
C ALA B 151 -20.13 -11.30 13.36
N GLU B 152 -19.51 -10.57 12.43
CA GLU B 152 -19.36 -11.03 11.06
C GLU B 152 -18.39 -12.20 10.97
#